data_4U7F
#
_entry.id   4U7F
#
_cell.length_a   56.120
_cell.length_b   83.140
_cell.length_c   106.460
_cell.angle_alpha   90.000
_cell.angle_beta   90.000
_cell.angle_gamma   90.000
#
_symmetry.space_group_name_H-M   'P 21 21 21'
#
loop_
_entity.id
_entity.type
_entity.pdbx_description
1 polymer 'Ribosyldihydronicotinamide dehydrogenase [quinone]'
2 non-polymer 'ZINC ION'
3 non-polymer 'FLAVIN-ADENINE DINUCLEOTIDE'
4 non-polymer 4,5,6,7-TETRABROMO-N,N-DIMETHYL-1H-BENZIMIDAZOL-2-AMINE
5 water water
#
_entity_poly.entity_id   1
_entity_poly.type   'polypeptide(L)'
_entity_poly.pdbx_seq_one_letter_code
;AGKKVLIVYAHQEPKSFNGSLKNVAVDELSRQGCTVTVSDLYAMNFEPRATDKDITGTLSNPEVFNYGVETHEAYKQRSL
ASDITDEQKKVREADLVIFQFPLYWFSVPAILKGWMDRVLCQGFAFDIPGFYDSGLLQGKLALLSVTTGGTAEMYTKTGV
NGDSRYFLWPLQHGTLHFCGFKVLAPQISFAPEIASEEERKGMVAAWSQRLQTIWKEEPIPCTAHWHFGQ
;
_entity_poly.pdbx_strand_id   A,B
#
loop_
_chem_comp.id
_chem_comp.type
_chem_comp.name
_chem_comp.formula
FAD non-polymer 'FLAVIN-ADENINE DINUCLEOTIDE' 'C27 H33 N9 O15 P2'
K25 non-polymer 4,5,6,7-TETRABROMO-N,N-DIMETHYL-1H-BENZIMIDAZOL-2-AMINE 'C9 H7 Br4 N3'
ZN non-polymer 'ZINC ION' 'Zn 2'
#
# COMPACT_ATOMS: atom_id res chain seq x y z
N ALA A 1 -8.80 2.63 -33.28
CA ALA A 1 -10.11 1.99 -33.43
C ALA A 1 -10.13 0.62 -32.76
N GLY A 2 -10.90 0.49 -31.68
CA GLY A 2 -11.09 -0.78 -31.01
C GLY A 2 -10.35 -0.95 -29.71
N LYS A 3 -10.06 0.16 -29.04
CA LYS A 3 -9.28 0.14 -27.81
C LYS A 3 -10.15 -0.18 -26.59
N LYS A 4 -9.60 -0.97 -25.68
CA LYS A 4 -10.34 -1.45 -24.52
C LYS A 4 -9.71 -0.92 -23.25
N VAL A 5 -10.57 -0.47 -22.36
CA VAL A 5 -10.19 0.19 -21.12
C VAL A 5 -10.82 -0.51 -19.93
N LEU A 6 -9.98 -0.80 -18.94
CA LEU A 6 -10.46 -1.25 -17.63
C LEU A 6 -10.19 -0.13 -16.62
N ILE A 7 -11.24 0.30 -15.92
CA ILE A 7 -11.06 1.22 -14.80
C ILE A 7 -11.20 0.44 -13.49
N VAL A 8 -10.13 0.39 -12.71
CA VAL A 8 -10.19 -0.16 -11.36
C VAL A 8 -10.43 1.00 -10.41
N TYR A 9 -11.59 0.99 -9.78
CA TYR A 9 -12.10 2.14 -9.07
C TYR A 9 -12.23 1.80 -7.60
N ALA A 10 -11.68 2.65 -6.74
CA ALA A 10 -11.67 2.40 -5.31
C ALA A 10 -12.17 3.59 -4.48
N HIS A 11 -13.49 3.78 -4.48
CA HIS A 11 -14.08 4.76 -3.58
C HIS A 11 -15.47 4.29 -3.13
N GLN A 12 -15.81 4.58 -1.88
CA GLN A 12 -17.03 4.10 -1.25
C GLN A 12 -18.30 4.79 -1.73
N GLU A 13 -18.14 6.00 -2.25
CA GLU A 13 -19.27 6.92 -2.47
C GLU A 13 -19.39 7.36 -3.93
N PRO A 14 -20.52 7.03 -4.57
CA PRO A 14 -20.77 7.39 -5.96
C PRO A 14 -20.75 8.89 -6.20
N LYS A 15 -21.16 9.66 -5.20
CA LYS A 15 -21.26 11.12 -5.34
C LYS A 15 -19.94 11.84 -5.06
N SER A 16 -18.91 11.07 -4.71
CA SER A 16 -17.60 11.66 -4.39
C SER A 16 -16.88 12.24 -5.60
N PHE A 17 -15.80 12.96 -5.33
CA PHE A 17 -14.99 13.51 -6.38
C PHE A 17 -14.37 12.38 -7.17
N ASN A 18 -14.00 11.29 -6.50
CA ASN A 18 -13.45 10.14 -7.22
C ASN A 18 -14.52 9.54 -8.13
N GLY A 19 -15.73 9.43 -7.62
CA GLY A 19 -16.85 8.95 -8.41
C GLY A 19 -17.03 9.78 -9.67
N SER A 20 -16.92 11.09 -9.55
CA SER A 20 -17.13 11.97 -10.70
C SER A 20 -16.04 11.78 -11.73
N LEU A 21 -14.79 11.58 -11.27
CA LEU A 21 -13.67 11.34 -12.18
C LEU A 21 -13.82 10.02 -12.91
N LYS A 22 -14.32 9.00 -12.21
CA LYS A 22 -14.57 7.71 -12.83
C LYS A 22 -15.68 7.84 -13.86
N ASN A 23 -16.75 8.55 -13.50
CA ASN A 23 -17.90 8.72 -14.39
C ASN A 23 -17.61 9.52 -15.67
N VAL A 24 -16.80 10.56 -15.60
CA VAL A 24 -16.44 11.29 -16.81
C VAL A 24 -15.47 10.46 -17.65
N ALA A 25 -14.69 9.60 -17.01
CA ALA A 25 -13.85 8.70 -17.74
C ALA A 25 -14.71 7.73 -18.53
N VAL A 26 -15.70 7.14 -17.86
CA VAL A 26 -16.64 6.24 -18.55
C VAL A 26 -17.33 6.99 -19.69
N ASP A 27 -17.83 8.18 -19.40
CA ASP A 27 -18.60 8.94 -20.40
C ASP A 27 -17.75 9.26 -21.61
N GLU A 28 -16.55 9.79 -21.39
CA GLU A 28 -15.71 10.28 -22.47
C GLU A 28 -15.12 9.12 -23.28
N LEU A 29 -14.69 8.05 -22.61
CA LEU A 29 -14.13 6.91 -23.34
C LEU A 29 -15.25 6.20 -24.12
N SER A 30 -16.41 6.09 -23.52
CA SER A 30 -17.57 5.49 -24.19
C SER A 30 -17.95 6.31 -25.44
N ARG A 31 -17.93 7.63 -25.29
CA ARG A 31 -18.22 8.54 -26.40
C ARG A 31 -17.26 8.33 -27.56
N GLN A 32 -16.00 8.02 -27.26
CA GLN A 32 -14.99 7.81 -28.27
C GLN A 32 -15.22 6.51 -29.01
N GLY A 33 -16.05 5.63 -28.44
CA GLY A 33 -16.30 4.32 -29.01
C GLY A 33 -15.45 3.21 -28.40
N CYS A 34 -14.70 3.51 -27.34
CA CYS A 34 -13.91 2.50 -26.64
C CYS A 34 -14.78 1.45 -25.95
N THR A 35 -14.23 0.25 -25.79
CA THR A 35 -14.80 -0.76 -24.91
C THR A 35 -14.36 -0.45 -23.46
N VAL A 36 -15.35 -0.23 -22.59
CA VAL A 36 -15.11 0.21 -21.20
C VAL A 36 -15.69 -0.73 -20.14
N THR A 37 -14.85 -1.10 -19.18
CA THR A 37 -15.24 -1.96 -18.06
C THR A 37 -14.77 -1.33 -16.76
N VAL A 38 -15.59 -1.41 -15.72
CA VAL A 38 -15.27 -0.81 -14.43
C VAL A 38 -15.30 -1.88 -13.35
N SER A 39 -14.22 -1.98 -12.57
CA SER A 39 -14.21 -2.83 -11.39
C SER A 39 -14.39 -1.93 -10.19
N ASP A 40 -15.60 -1.92 -9.65
CA ASP A 40 -15.93 -1.06 -8.54
C ASP A 40 -15.68 -1.87 -7.26
N LEU A 41 -14.44 -1.80 -6.76
CA LEU A 41 -13.99 -2.71 -5.71
C LEU A 41 -14.88 -2.70 -4.48
N TYR A 42 -15.31 -1.52 -4.02
CA TYR A 42 -16.07 -1.50 -2.78
C TYR A 42 -17.44 -2.11 -3.03
N ALA A 43 -18.02 -1.83 -4.20
CA ALA A 43 -19.35 -2.36 -4.54
C ALA A 43 -19.31 -3.87 -4.68
N MET A 44 -18.17 -4.38 -5.11
CA MET A 44 -17.94 -5.81 -5.28
C MET A 44 -17.56 -6.49 -3.94
N ASN A 45 -17.42 -5.70 -2.88
CA ASN A 45 -16.81 -6.15 -1.62
C ASN A 45 -15.57 -6.99 -1.89
N PHE A 46 -14.73 -6.49 -2.79
CA PHE A 46 -13.52 -7.18 -3.20
C PHE A 46 -12.66 -7.60 -2.01
N GLU A 47 -12.20 -8.84 -2.02
CA GLU A 47 -11.34 -9.36 -0.97
C GLU A 47 -9.90 -8.87 -1.10
N PRO A 48 -9.38 -8.15 -0.09
CA PRO A 48 -8.01 -7.62 -0.12
C PRO A 48 -6.94 -8.58 0.42
N ARG A 49 -7.33 -9.51 1.29
CA ARG A 49 -6.33 -10.35 1.94
C ARG A 49 -5.81 -11.48 1.06
N ALA A 50 -4.49 -11.66 1.04
CA ALA A 50 -3.89 -12.79 0.33
C ALA A 50 -3.93 -14.00 1.26
N THR A 51 -4.84 -14.95 0.98
CA THR A 51 -4.99 -16.13 1.84
C THR A 51 -5.10 -17.38 0.99
N ASP A 52 -5.17 -18.53 1.67
CA ASP A 52 -5.21 -19.81 0.99
C ASP A 52 -6.58 -20.06 0.36
N LYS A 53 -7.52 -19.17 0.63
CA LYS A 53 -8.78 -19.17 -0.09
C LYS A 53 -8.61 -18.86 -1.56
N ASP A 54 -7.48 -18.23 -1.90
CA ASP A 54 -7.28 -17.79 -3.27
C ASP A 54 -6.94 -18.96 -4.19
N ILE A 55 -6.66 -20.11 -3.59
CA ILE A 55 -6.41 -21.34 -4.35
C ILE A 55 -7.56 -22.30 -4.12
N THR A 56 -8.18 -22.75 -5.21
CA THR A 56 -9.28 -23.70 -5.10
C THR A 56 -8.72 -25.10 -5.26
N GLY A 57 -9.40 -26.09 -4.68
CA GLY A 57 -8.97 -27.47 -4.80
C GLY A 57 -7.91 -27.91 -3.81
N THR A 58 -6.75 -28.32 -4.34
CA THR A 58 -5.67 -28.89 -3.52
C THR A 58 -4.37 -28.10 -3.61
N LEU A 59 -3.85 -27.73 -2.44
CA LEU A 59 -2.67 -26.86 -2.36
C LEU A 59 -1.37 -27.59 -2.75
N SER A 60 -0.50 -26.87 -3.46
CA SER A 60 0.77 -27.42 -3.93
C SER A 60 1.65 -27.90 -2.78
N ASN A 61 1.39 -27.39 -1.58
CA ASN A 61 2.14 -27.77 -0.38
C ASN A 61 1.37 -27.35 0.86
N PRO A 62 0.35 -28.12 1.23
CA PRO A 62 -0.60 -27.82 2.31
C PRO A 62 -0.03 -27.95 3.73
N GLU A 63 1.29 -27.97 3.89
CA GLU A 63 1.88 -28.01 5.22
C GLU A 63 2.56 -26.69 5.56
N VAL A 64 3.17 -26.08 4.54
CA VAL A 64 3.81 -24.78 4.69
C VAL A 64 3.26 -23.88 3.59
N PHE A 65 2.34 -22.99 3.95
CA PHE A 65 1.68 -22.15 2.96
C PHE A 65 2.55 -20.99 2.49
N ASN A 66 2.85 -21.02 1.19
CA ASN A 66 3.64 -19.99 0.52
C ASN A 66 2.79 -19.37 -0.57
N TYR A 67 2.28 -18.15 -0.32
CA TYR A 67 1.30 -17.52 -1.20
C TYR A 67 1.81 -17.43 -2.63
N GLY A 68 3.03 -16.92 -2.77
CA GLY A 68 3.63 -16.74 -4.07
C GLY A 68 3.70 -18.02 -4.88
N VAL A 69 4.16 -19.07 -4.23
CA VAL A 69 4.32 -20.37 -4.87
C VAL A 69 2.97 -20.91 -5.29
N GLU A 70 2.09 -21.00 -4.29
CA GLU A 70 0.75 -21.55 -4.46
C GLU A 70 -0.05 -20.84 -5.54
N THR A 71 0.04 -19.52 -5.60
CA THR A 71 -0.72 -18.76 -6.59
C THR A 71 -0.09 -18.90 -7.97
N HIS A 72 1.23 -19.01 -8.04
CA HIS A 72 1.90 -19.19 -9.32
C HIS A 72 1.42 -20.52 -9.93
N GLU A 73 1.52 -21.57 -9.14
CA GLU A 73 1.08 -22.91 -9.55
C GLU A 73 -0.38 -22.92 -9.93
N ALA A 74 -1.22 -22.32 -9.08
CA ALA A 74 -2.67 -22.26 -9.31
C ALA A 74 -3.03 -21.54 -10.60
N TYR A 75 -2.27 -20.52 -10.97
CA TYR A 75 -2.49 -19.83 -12.23
C TYR A 75 -2.19 -20.76 -13.39
N LYS A 76 -1.01 -21.38 -13.36
CA LYS A 76 -0.58 -22.32 -14.38
C LYS A 76 -1.55 -23.50 -14.49
N GLN A 77 -2.22 -23.81 -13.39
CA GLN A 77 -3.14 -24.95 -13.30
C GLN A 77 -4.60 -24.56 -13.36
N ARG A 78 -4.89 -23.32 -13.72
CA ARG A 78 -6.27 -22.82 -13.77
C ARG A 78 -7.04 -23.16 -12.50
N SER A 79 -6.46 -22.86 -11.34
CA SER A 79 -7.11 -23.17 -10.07
C SER A 79 -7.12 -22.01 -9.06
N LEU A 80 -7.07 -20.77 -9.55
CA LEU A 80 -7.25 -19.60 -8.69
C LEU A 80 -8.73 -19.30 -8.43
N ALA A 81 -9.03 -18.67 -7.28
CA ALA A 81 -10.40 -18.25 -6.98
C ALA A 81 -10.97 -17.36 -8.08
N SER A 82 -12.30 -17.40 -8.25
CA SER A 82 -12.90 -16.80 -9.43
C SER A 82 -12.92 -15.27 -9.36
N ASP A 83 -12.90 -14.70 -8.16
CA ASP A 83 -12.82 -13.25 -8.08
C ASP A 83 -11.50 -12.77 -8.71
N ILE A 84 -10.43 -13.50 -8.46
CA ILE A 84 -9.13 -13.19 -9.07
C ILE A 84 -9.14 -13.39 -10.60
N THR A 85 -9.62 -14.53 -11.07
CA THR A 85 -9.58 -14.81 -12.51
C THR A 85 -10.49 -13.86 -13.31
N ASP A 86 -11.63 -13.49 -12.73
CA ASP A 86 -12.49 -12.48 -13.32
C ASP A 86 -11.71 -11.20 -13.60
N GLU A 87 -10.90 -10.79 -12.64
CA GLU A 87 -10.10 -9.57 -12.79
C GLU A 87 -9.00 -9.73 -13.84
N GLN A 88 -8.38 -10.90 -13.85
CA GLN A 88 -7.33 -11.16 -14.82
C GLN A 88 -7.82 -11.15 -16.26
N LYS A 89 -9.03 -11.68 -16.48
CA LYS A 89 -9.61 -11.62 -17.81
C LYS A 89 -9.82 -10.16 -18.25
N LYS A 90 -10.29 -9.32 -17.33
CA LYS A 90 -10.50 -7.91 -17.64
C LYS A 90 -9.17 -7.25 -18.01
N VAL A 91 -8.13 -7.57 -17.28
CA VAL A 91 -6.82 -6.99 -17.51
C VAL A 91 -6.22 -7.49 -18.82
N ARG A 92 -6.32 -8.79 -19.05
CA ARG A 92 -5.85 -9.40 -20.29
C ARG A 92 -6.47 -8.71 -21.51
N GLU A 93 -7.77 -8.44 -21.44
CA GLU A 93 -8.48 -7.85 -22.58
C GLU A 93 -8.22 -6.33 -22.74
N ALA A 94 -7.82 -5.67 -21.66
CA ALA A 94 -7.65 -4.21 -21.70
C ALA A 94 -6.36 -3.78 -22.38
N ASP A 95 -6.43 -2.69 -23.14
CA ASP A 95 -5.24 -2.06 -23.69
C ASP A 95 -4.75 -0.98 -22.73
N LEU A 96 -5.68 -0.45 -21.93
CA LEU A 96 -5.37 0.56 -20.92
C LEU A 96 -6.07 0.23 -19.60
N VAL A 97 -5.31 0.27 -18.51
CA VAL A 97 -5.88 0.13 -17.17
C VAL A 97 -5.70 1.44 -16.40
N ILE A 98 -6.83 2.09 -16.14
CA ILE A 98 -6.88 3.28 -15.30
C ILE A 98 -7.23 2.88 -13.87
N PHE A 99 -6.43 3.34 -12.91
CA PHE A 99 -6.72 3.19 -11.48
C PHE A 99 -7.23 4.51 -10.95
N GLN A 100 -8.39 4.50 -10.29
CA GLN A 100 -8.98 5.74 -9.79
C GLN A 100 -9.19 5.61 -8.29
N PHE A 101 -8.49 6.42 -7.50
CA PHE A 101 -8.49 6.27 -6.06
C PHE A 101 -8.07 7.54 -5.34
N PRO A 102 -8.58 7.70 -4.11
CA PRO A 102 -8.04 8.70 -3.18
C PRO A 102 -6.74 8.20 -2.59
N LEU A 103 -5.76 9.09 -2.41
CA LEU A 103 -4.50 8.72 -1.78
C LEU A 103 -4.72 8.40 -0.30
N TYR A 104 -4.44 7.16 0.09
CA TYR A 104 -4.44 6.72 1.50
C TYR A 104 -3.02 6.41 1.94
N TRP A 105 -2.48 7.22 2.84
CA TRP A 105 -1.15 7.02 3.39
C TRP A 105 -0.08 6.87 2.29
N PHE A 106 -0.05 7.90 1.45
CA PHE A 106 0.88 8.01 0.31
C PHE A 106 0.79 6.80 -0.60
N SER A 107 -0.37 6.15 -0.64
CA SER A 107 -0.50 4.90 -1.39
C SER A 107 -1.96 4.69 -1.81
N VAL A 108 -2.26 3.50 -2.31
CA VAL A 108 -3.63 3.11 -2.64
C VAL A 108 -4.35 2.66 -1.35
N PRO A 109 -5.67 2.87 -1.30
CA PRO A 109 -6.49 2.25 -0.26
C PRO A 109 -6.27 0.75 -0.21
N ALA A 110 -6.37 0.15 0.98
CA ALA A 110 -6.09 -1.27 1.13
C ALA A 110 -6.87 -2.19 0.19
N ILE A 111 -8.13 -1.85 -0.14
CA ILE A 111 -8.93 -2.72 -1.00
C ILE A 111 -8.31 -2.81 -2.40
N LEU A 112 -7.77 -1.71 -2.88
CA LEU A 112 -7.03 -1.69 -4.16
C LEU A 112 -5.62 -2.32 -4.04
N LYS A 113 -4.96 -2.11 -2.91
CA LYS A 113 -3.70 -2.79 -2.68
C LYS A 113 -3.93 -4.30 -2.77
N GLY A 114 -5.06 -4.74 -2.20
CA GLY A 114 -5.46 -6.14 -2.26
C GLY A 114 -5.67 -6.65 -3.69
N TRP A 115 -6.24 -5.80 -4.54
CA TRP A 115 -6.41 -6.12 -5.95
C TRP A 115 -5.04 -6.36 -6.58
N MET A 116 -4.12 -5.42 -6.36
N MET A 116 -4.13 -5.41 -6.35
CA MET A 116 -2.77 -5.57 -6.89
CA MET A 116 -2.75 -5.52 -6.82
C MET A 116 -2.09 -6.82 -6.35
C MET A 116 -2.11 -6.82 -6.34
N ASP A 117 -2.21 -7.06 -5.04
CA ASP A 117 -1.58 -8.22 -4.42
C ASP A 117 -2.09 -9.53 -5.01
N ARG A 118 -3.42 -9.64 -5.22
CA ARG A 118 -4.03 -10.92 -5.53
C ARG A 118 -4.18 -11.16 -7.05
N VAL A 119 -4.40 -10.09 -7.80
CA VAL A 119 -4.64 -10.23 -9.24
C VAL A 119 -3.36 -10.33 -10.07
N LEU A 120 -2.33 -9.59 -9.66
CA LEU A 120 -1.08 -9.54 -10.42
C LEU A 120 -0.12 -10.64 -9.94
N CYS A 121 -0.51 -11.89 -10.14
CA CYS A 121 0.27 -13.04 -9.66
C CYS A 121 1.31 -13.48 -10.68
N GLN A 122 2.29 -14.26 -10.23
CA GLN A 122 3.34 -14.73 -11.13
C GLN A 122 2.76 -15.73 -12.12
N GLY A 123 3.16 -15.61 -13.38
CA GLY A 123 2.60 -16.40 -14.45
C GLY A 123 1.62 -15.56 -15.25
N PHE A 124 0.97 -14.62 -14.58
CA PHE A 124 0.02 -13.74 -15.24
C PHE A 124 0.64 -12.39 -15.58
N ALA A 125 1.14 -11.71 -14.55
CA ALA A 125 1.63 -10.35 -14.71
C ALA A 125 3.15 -10.28 -14.88
N PHE A 126 3.84 -11.31 -14.42
CA PHE A 126 5.29 -11.30 -14.46
C PHE A 126 5.82 -12.70 -14.30
N ASP A 127 7.08 -12.88 -14.67
CA ASP A 127 7.75 -14.16 -14.47
C ASP A 127 9.26 -13.98 -14.61
N ILE A 128 9.97 -15.09 -14.49
CA ILE A 128 11.37 -15.15 -14.87
C ILE A 128 11.41 -15.90 -16.21
N PRO A 129 11.69 -15.18 -17.30
CA PRO A 129 11.95 -13.74 -17.31
C PRO A 129 10.66 -12.98 -17.52
N GLY A 130 10.77 -11.68 -17.72
CA GLY A 130 9.58 -10.91 -18.04
C GLY A 130 9.19 -10.05 -16.87
N PHE A 131 9.97 -8.99 -16.66
CA PHE A 131 9.59 -7.97 -15.70
C PHE A 131 10.25 -6.67 -16.10
N TYR A 132 9.78 -5.59 -15.48
CA TYR A 132 10.06 -4.25 -15.97
C TYR A 132 9.78 -4.23 -17.47
N ASP A 133 10.72 -3.75 -18.28
CA ASP A 133 10.46 -3.57 -19.71
C ASP A 133 9.87 -4.81 -20.39
N SER A 134 10.20 -5.99 -19.88
CA SER A 134 9.75 -7.25 -20.47
C SER A 134 8.67 -7.98 -19.65
N GLY A 135 7.99 -7.29 -18.73
CA GLY A 135 6.93 -7.90 -17.96
C GLY A 135 5.78 -8.34 -18.86
N LEU A 136 5.01 -9.30 -18.40
CA LEU A 136 4.00 -10.00 -19.21
C LEU A 136 2.82 -9.17 -19.66
N LEU A 137 2.64 -8.00 -19.07
CA LEU A 137 1.59 -7.12 -19.50
C LEU A 137 2.15 -6.06 -20.43
N GLN A 138 3.33 -6.33 -21.00
CA GLN A 138 3.94 -5.38 -21.93
C GLN A 138 3.00 -5.19 -23.12
N GLY A 139 2.92 -3.96 -23.62
CA GLY A 139 1.96 -3.63 -24.65
C GLY A 139 0.82 -2.83 -24.08
N LYS A 140 0.56 -3.01 -22.79
CA LYS A 140 -0.57 -2.35 -22.14
C LYS A 140 -0.16 -0.99 -21.57
N LEU A 141 -1.10 -0.06 -21.48
CA LEU A 141 -0.86 1.21 -20.82
C LEU A 141 -1.47 1.16 -19.41
N ALA A 142 -0.88 1.85 -18.46
CA ALA A 142 -1.51 1.96 -17.14
C ALA A 142 -1.44 3.41 -16.75
N LEU A 143 -2.41 3.85 -15.95
CA LEU A 143 -2.50 5.26 -15.57
C LEU A 143 -3.09 5.40 -14.17
N LEU A 144 -2.39 6.12 -13.31
CA LEU A 144 -2.87 6.37 -11.96
C LEU A 144 -3.58 7.72 -11.92
N SER A 145 -4.87 7.72 -11.60
CA SER A 145 -5.63 8.94 -11.41
C SER A 145 -5.94 9.05 -9.93
N VAL A 146 -5.20 9.92 -9.25
CA VAL A 146 -5.21 9.96 -7.79
C VAL A 146 -5.71 11.31 -7.34
N THR A 147 -6.42 11.32 -6.22
CA THR A 147 -6.87 12.54 -5.57
C THR A 147 -6.16 12.60 -4.22
N THR A 148 -5.86 13.82 -3.75
CA THR A 148 -5.14 13.99 -2.49
C THR A 148 -5.88 14.87 -1.51
N GLY A 149 -5.54 14.72 -0.23
CA GLY A 149 -5.99 15.66 0.78
C GLY A 149 -5.06 16.87 0.79
N GLY A 150 -3.77 16.63 0.54
CA GLY A 150 -2.77 17.67 0.54
C GLY A 150 -2.71 18.49 -0.74
N THR A 151 -2.34 19.76 -0.59
CA THR A 151 -2.24 20.67 -1.73
C THR A 151 -1.02 20.40 -2.58
N ALA A 152 -1.00 20.94 -3.79
CA ALA A 152 0.14 20.78 -4.67
C ALA A 152 1.41 21.35 -4.04
N GLU A 153 1.28 22.41 -3.25
CA GLU A 153 2.44 23.03 -2.63
C GLU A 153 3.07 22.09 -1.60
N MET A 154 2.22 21.40 -0.84
CA MET A 154 2.69 20.42 0.13
C MET A 154 3.47 19.31 -0.55
N TYR A 155 3.10 19.00 -1.80
CA TYR A 155 3.74 17.93 -2.55
C TYR A 155 4.84 18.45 -3.50
N THR A 156 5.69 19.32 -2.97
CA THR A 156 6.89 19.75 -3.68
C THR A 156 8.10 19.20 -2.95
N LYS A 157 9.27 19.25 -3.60
CA LYS A 157 10.51 18.72 -3.05
C LYS A 157 10.85 19.31 -1.67
N THR A 158 10.41 20.54 -1.43
CA THR A 158 10.68 21.22 -0.16
C THR A 158 9.42 21.33 0.71
N GLY A 159 8.29 20.87 0.18
CA GLY A 159 7.05 20.81 0.96
C GLY A 159 7.08 19.75 2.05
N VAL A 160 6.10 19.76 2.95
CA VAL A 160 6.07 18.81 4.06
C VAL A 160 6.00 17.36 3.58
N ASN A 161 5.34 17.14 2.44
CA ASN A 161 5.12 15.78 1.91
C ASN A 161 6.16 15.32 0.92
N GLY A 162 6.99 16.24 0.45
CA GLY A 162 7.92 15.91 -0.63
C GLY A 162 7.21 15.85 -1.96
N ASP A 163 7.98 15.78 -3.04
CA ASP A 163 7.45 15.69 -4.40
C ASP A 163 6.43 14.56 -4.51
N SER A 164 5.31 14.83 -5.18
CA SER A 164 4.33 13.79 -5.41
C SER A 164 4.97 12.60 -6.13
N ARG A 165 5.98 12.85 -6.95
CA ARG A 165 6.67 11.75 -7.64
C ARG A 165 7.30 10.74 -6.69
N TYR A 166 7.63 11.17 -5.47
CA TYR A 166 8.25 10.29 -4.51
C TYR A 166 7.33 9.13 -4.13
N PHE A 167 6.05 9.41 -3.93
CA PHE A 167 5.17 8.33 -3.48
C PHE A 167 4.68 7.50 -4.67
N LEU A 168 4.89 7.98 -5.89
CA LEU A 168 4.47 7.21 -7.06
C LEU A 168 5.36 6.00 -7.29
N TRP A 169 6.58 6.03 -6.76
CA TRP A 169 7.59 5.02 -7.07
C TRP A 169 7.14 3.57 -6.86
N PRO A 170 6.58 3.24 -5.67
CA PRO A 170 6.18 1.84 -5.47
C PRO A 170 5.06 1.41 -6.43
N LEU A 171 4.22 2.36 -6.81
CA LEU A 171 3.06 2.06 -7.65
C LEU A 171 3.47 2.00 -9.11
N GLN A 172 3.97 3.12 -9.61
CA GLN A 172 4.43 3.19 -11.00
C GLN A 172 5.60 2.24 -11.29
N HIS A 173 6.66 2.28 -10.49
CA HIS A 173 7.83 1.49 -10.84
C HIS A 173 7.74 0.08 -10.27
N GLY A 174 7.51 -0.03 -8.96
CA GLY A 174 7.57 -1.32 -8.28
C GLY A 174 6.47 -2.28 -8.69
N THR A 175 5.34 -1.73 -9.12
CA THR A 175 4.18 -2.53 -9.48
C THR A 175 3.89 -2.49 -11.00
N LEU A 176 3.54 -1.33 -11.54
CA LEU A 176 3.09 -1.27 -12.93
C LEU A 176 4.24 -1.53 -13.92
N HIS A 177 5.33 -0.79 -13.80
CA HIS A 177 6.48 -1.01 -14.65
C HIS A 177 6.96 -2.46 -14.55
N PHE A 178 6.97 -2.97 -13.33
CA PHE A 178 7.49 -4.29 -13.08
C PHE A 178 6.76 -5.31 -13.92
N CYS A 179 5.44 -5.16 -14.01
CA CYS A 179 4.61 -6.12 -14.73
C CYS A 179 4.63 -5.90 -16.25
N GLY A 180 5.27 -4.83 -16.70
CA GLY A 180 5.43 -4.62 -18.13
C GLY A 180 4.62 -3.47 -18.70
N PHE A 181 3.79 -2.85 -17.87
CA PHE A 181 3.02 -1.69 -18.30
C PHE A 181 3.90 -0.55 -18.74
N LYS A 182 3.52 0.10 -19.82
CA LYS A 182 4.00 1.44 -20.11
C LYS A 182 3.14 2.36 -19.28
N VAL A 183 3.78 3.28 -18.58
CA VAL A 183 3.09 4.10 -17.60
C VAL A 183 2.80 5.49 -18.13
N LEU A 184 1.53 5.80 -18.28
CA LEU A 184 1.14 7.13 -18.70
C LEU A 184 1.28 8.07 -17.52
N ALA A 185 1.54 9.34 -17.82
CA ALA A 185 1.71 10.35 -16.78
C ALA A 185 0.58 10.25 -15.79
N PRO A 186 0.89 10.32 -14.49
CA PRO A 186 -0.20 10.23 -13.53
C PRO A 186 -1.12 11.42 -13.67
N GLN A 187 -2.40 11.24 -13.37
CA GLN A 187 -3.32 12.33 -13.23
C GLN A 187 -3.50 12.61 -11.75
N ILE A 188 -3.00 13.74 -11.29
CA ILE A 188 -3.10 14.04 -9.87
C ILE A 188 -3.98 15.25 -9.64
N SER A 189 -5.14 15.01 -9.04
CA SER A 189 -6.08 16.08 -8.73
C SER A 189 -5.92 16.46 -7.26
N PHE A 190 -5.17 17.53 -7.04
CA PHE A 190 -4.73 17.91 -5.70
C PHE A 190 -5.86 18.56 -4.91
N ALA A 191 -6.08 18.03 -3.69
CA ALA A 191 -6.93 18.63 -2.67
C ALA A 191 -8.27 19.18 -3.18
N PRO A 192 -9.11 18.29 -3.74
CA PRO A 192 -10.46 18.71 -4.16
C PRO A 192 -11.28 19.33 -3.01
N GLU A 193 -11.17 18.75 -1.81
CA GLU A 193 -11.95 19.21 -0.66
C GLU A 193 -11.61 20.66 -0.28
N ILE A 194 -10.38 21.05 -0.53
CA ILE A 194 -9.89 22.39 -0.20
C ILE A 194 -10.13 23.37 -1.36
N ALA A 195 -9.98 22.88 -2.58
CA ALA A 195 -10.16 23.71 -3.77
C ALA A 195 -11.59 24.24 -3.92
N SER A 196 -11.72 25.36 -4.64
CA SER A 196 -13.02 25.97 -4.91
C SER A 196 -13.80 25.14 -5.92
N GLU A 197 -15.07 25.45 -6.09
CA GLU A 197 -15.87 24.72 -7.07
C GLU A 197 -15.40 25.01 -8.50
N GLU A 198 -14.97 26.25 -8.77
CA GLU A 198 -14.41 26.54 -10.08
C GLU A 198 -13.19 25.65 -10.32
N GLU A 199 -12.31 25.59 -9.33
CA GLU A 199 -11.12 24.76 -9.42
C GLU A 199 -11.47 23.28 -9.54
N ARG A 200 -12.50 22.84 -8.81
CA ARG A 200 -12.92 21.45 -8.86
C ARG A 200 -13.43 21.07 -10.23
N LYS A 201 -14.29 21.90 -10.81
CA LYS A 201 -14.77 21.66 -12.17
C LYS A 201 -13.59 21.68 -13.13
N GLY A 202 -12.66 22.59 -12.87
CA GLY A 202 -11.47 22.73 -13.69
C GLY A 202 -10.66 21.44 -13.72
N MET A 203 -10.58 20.76 -12.59
CA MET A 203 -9.85 19.50 -12.51
C MET A 203 -10.60 18.37 -13.22
N VAL A 204 -11.91 18.28 -13.01
CA VAL A 204 -12.73 17.30 -13.71
C VAL A 204 -12.63 17.52 -15.24
N ALA A 205 -12.78 18.76 -15.68
CA ALA A 205 -12.66 19.09 -17.09
C ALA A 205 -11.25 18.83 -17.62
N ALA A 206 -10.23 19.10 -16.82
CA ALA A 206 -8.85 18.78 -17.22
C ALA A 206 -8.75 17.30 -17.55
N TRP A 207 -9.35 16.50 -16.68
CA TRP A 207 -9.33 15.04 -16.80
C TRP A 207 -10.12 14.59 -18.03
N SER A 208 -11.33 15.11 -18.18
CA SER A 208 -12.17 14.80 -19.33
C SER A 208 -11.44 15.18 -20.62
N GLN A 209 -10.92 16.41 -20.64
CA GLN A 209 -10.19 16.91 -21.81
C GLN A 209 -8.94 16.09 -22.09
N ARG A 210 -8.21 15.71 -21.04
CA ARG A 210 -7.03 14.87 -21.26
C ARG A 210 -7.42 13.54 -21.90
N LEU A 211 -8.54 12.97 -21.44
CA LEU A 211 -8.99 11.68 -21.96
C LEU A 211 -9.24 11.75 -23.47
N GLN A 212 -9.61 12.92 -23.97
CA GLN A 212 -9.86 13.09 -25.39
C GLN A 212 -8.68 12.68 -26.27
N THR A 213 -7.46 12.85 -25.76
CA THR A 213 -6.29 12.54 -26.57
C THR A 213 -5.35 11.56 -25.87
N ILE A 214 -5.92 10.70 -25.04
CA ILE A 214 -5.13 9.80 -24.23
C ILE A 214 -4.36 8.80 -25.10
N TRP A 215 -4.93 8.44 -26.25
CA TRP A 215 -4.32 7.43 -27.13
C TRP A 215 -3.18 8.00 -27.97
N LYS A 216 -2.98 9.30 -27.90
CA LYS A 216 -1.86 9.94 -28.59
C LYS A 216 -0.65 10.14 -27.66
N GLU A 217 -0.82 9.76 -26.40
CA GLU A 217 0.17 10.08 -25.38
C GLU A 217 1.42 9.24 -25.43
N GLU A 218 2.53 9.89 -25.08
CA GLU A 218 3.79 9.23 -24.79
C GLU A 218 3.80 8.90 -23.29
N PRO A 219 4.17 7.66 -22.97
CA PRO A 219 4.37 7.22 -21.58
C PRO A 219 5.62 7.82 -20.97
N ILE A 220 5.63 8.04 -19.66
CA ILE A 220 6.81 8.57 -18.99
C ILE A 220 7.96 7.59 -19.08
N PRO A 221 9.20 8.08 -18.92
CA PRO A 221 10.32 7.15 -18.73
C PRO A 221 10.29 6.68 -17.28
N CYS A 222 9.82 5.46 -17.03
CA CYS A 222 9.57 5.05 -15.64
C CYS A 222 10.90 4.71 -14.96
N THR A 223 11.64 5.74 -14.59
CA THR A 223 12.96 5.58 -14.02
C THR A 223 13.12 6.25 -12.67
N ALA A 224 14.16 5.85 -11.95
CA ALA A 224 14.52 6.51 -10.71
C ALA A 224 14.72 8.00 -10.97
N HIS A 225 15.38 8.30 -12.09
CA HIS A 225 15.67 9.67 -12.47
C HIS A 225 14.38 10.47 -12.62
N TRP A 226 13.38 9.89 -13.29
CA TRP A 226 12.09 10.56 -13.42
C TRP A 226 11.48 10.82 -12.05
N HIS A 227 11.54 9.84 -11.16
CA HIS A 227 10.87 9.96 -9.87
C HIS A 227 11.61 10.85 -8.86
N PHE A 228 12.95 10.79 -8.87
CA PHE A 228 13.73 11.41 -7.81
C PHE A 228 14.73 12.46 -8.31
N GLY A 229 15.08 12.39 -9.59
CA GLY A 229 16.08 13.27 -10.16
C GLY A 229 15.65 14.72 -10.28
N GLN A 230 16.37 15.48 -11.09
CA GLN A 230 16.06 16.89 -11.29
C GLN A 230 15.52 17.15 -12.69
N ALA B 1 11.01 2.32 35.10
CA ALA B 1 9.99 2.27 34.01
C ALA B 1 10.39 1.29 32.91
N GLY B 2 9.57 0.26 32.72
CA GLY B 2 9.81 -0.73 31.70
C GLY B 2 9.10 -0.37 30.41
N LYS B 3 9.44 -1.08 29.34
CA LYS B 3 8.98 -0.71 28.00
C LYS B 3 7.88 -1.64 27.49
N LYS B 4 6.96 -1.10 26.69
CA LYS B 4 5.90 -1.88 26.09
C LYS B 4 6.08 -1.90 24.57
N VAL B 5 5.94 -3.08 23.97
CA VAL B 5 6.12 -3.23 22.53
C VAL B 5 4.89 -3.88 21.88
N LEU B 6 4.46 -3.29 20.77
CA LEU B 6 3.46 -3.90 19.89
C LEU B 6 4.12 -4.34 18.61
N ILE B 7 3.91 -5.60 18.26
CA ILE B 7 4.32 -6.12 16.98
C ILE B 7 3.06 -6.34 16.13
N VAL B 8 2.97 -5.61 15.03
CA VAL B 8 1.91 -5.81 14.07
C VAL B 8 2.48 -6.70 12.99
N TYR B 9 1.96 -7.92 12.89
CA TYR B 9 2.57 -8.98 12.13
C TYR B 9 1.66 -9.38 11.00
N ALA B 10 2.21 -9.53 9.79
CA ALA B 10 1.40 -9.81 8.61
C ALA B 10 1.99 -10.89 7.70
N HIS B 11 1.83 -12.14 8.11
CA HIS B 11 2.19 -13.30 7.31
C HIS B 11 1.21 -14.45 7.61
N GLN B 12 0.87 -15.22 6.59
CA GLN B 12 -0.16 -16.26 6.72
C GLN B 12 0.32 -17.54 7.40
N GLU B 13 1.64 -17.69 7.51
CA GLU B 13 2.28 -18.99 7.79
C GLU B 13 3.25 -18.94 8.96
N PRO B 14 2.90 -19.57 10.08
CA PRO B 14 3.71 -19.49 11.30
C PRO B 14 5.15 -19.97 11.08
N LYS B 15 5.35 -20.89 10.15
CA LYS B 15 6.68 -21.47 9.96
C LYS B 15 7.52 -20.70 8.97
N SER B 16 7.02 -19.55 8.54
CA SER B 16 7.70 -18.70 7.56
C SER B 16 8.89 -17.97 8.15
N PHE B 17 9.69 -17.39 7.27
CA PHE B 17 10.80 -16.56 7.68
C PHE B 17 10.29 -15.35 8.47
N ASN B 18 9.17 -14.77 8.04
CA ASN B 18 8.55 -13.70 8.82
C ASN B 18 8.12 -14.18 10.17
N GLY B 19 7.55 -15.37 10.22
CA GLY B 19 7.12 -15.94 11.48
C GLY B 19 8.30 -16.09 12.43
N SER B 20 9.44 -16.51 11.89
CA SER B 20 10.64 -16.68 12.71
C SER B 20 11.16 -15.34 13.24
N LEU B 21 11.15 -14.33 12.40
CA LEU B 21 11.60 -13.02 12.83
C LEU B 21 10.66 -12.47 13.90
N LYS B 22 9.35 -12.69 13.73
CA LYS B 22 8.38 -12.28 14.73
C LYS B 22 8.62 -13.00 16.07
N ASN B 23 8.89 -14.30 16.02
CA ASN B 23 9.03 -15.07 17.24
C ASN B 23 10.31 -14.73 17.96
N VAL B 24 11.36 -14.42 17.19
CA VAL B 24 12.62 -13.97 17.76
C VAL B 24 12.46 -12.65 18.47
N ALA B 25 11.66 -11.75 17.90
CA ALA B 25 11.36 -10.48 18.55
C ALA B 25 10.67 -10.70 19.88
N VAL B 26 9.65 -11.57 19.87
CA VAL B 26 8.89 -11.86 21.08
C VAL B 26 9.83 -12.48 22.12
N ASP B 27 10.57 -13.51 21.72
CA ASP B 27 11.53 -14.17 22.63
C ASP B 27 12.48 -13.18 23.30
N GLU B 28 13.14 -12.35 22.49
CA GLU B 28 14.23 -11.49 22.98
C GLU B 28 13.69 -10.31 23.81
N LEU B 29 12.63 -9.67 23.32
CA LEU B 29 12.01 -8.57 24.05
C LEU B 29 11.40 -9.09 25.36
N SER B 30 10.83 -10.29 25.32
CA SER B 30 10.30 -10.91 26.53
C SER B 30 11.44 -11.20 27.50
N ARG B 31 12.55 -11.71 26.97
CA ARG B 31 13.73 -12.03 27.78
C ARG B 31 14.22 -10.80 28.51
N GLN B 32 14.18 -9.65 27.84
CA GLN B 32 14.60 -8.39 28.44
C GLN B 32 13.67 -7.90 29.53
N GLY B 33 12.47 -8.48 29.61
CA GLY B 33 11.49 -8.03 30.59
C GLY B 33 10.49 -7.03 30.02
N CYS B 34 10.50 -6.84 28.70
CA CYS B 34 9.50 -5.96 28.07
C CYS B 34 8.14 -6.57 28.09
N THR B 35 7.13 -5.72 28.13
CA THR B 35 5.74 -6.10 27.90
C THR B 35 5.53 -6.19 26.38
N VAL B 36 5.06 -7.33 25.89
CA VAL B 36 4.97 -7.57 24.45
C VAL B 36 3.57 -8.01 24.03
N THR B 37 3.07 -7.41 22.96
CA THR B 37 1.79 -7.75 22.35
C THR B 37 1.97 -7.95 20.85
N VAL B 38 1.27 -8.91 20.27
CA VAL B 38 1.37 -9.20 18.86
C VAL B 38 -0.02 -9.15 18.24
N SER B 39 -0.21 -8.32 17.23
CA SER B 39 -1.42 -8.37 16.41
C SER B 39 -1.11 -9.19 15.18
N ASP B 40 -1.62 -10.42 15.18
CA ASP B 40 -1.41 -11.37 14.10
C ASP B 40 -2.58 -11.17 13.12
N LEU B 41 -2.42 -10.27 12.17
CA LEU B 41 -3.55 -9.81 11.35
C LEU B 41 -4.29 -10.91 10.58
N TYR B 42 -3.57 -11.82 9.95
CA TYR B 42 -4.23 -12.92 9.21
C TYR B 42 -4.98 -13.84 10.17
N ALA B 43 -4.40 -14.10 11.35
CA ALA B 43 -5.04 -14.98 12.34
C ALA B 43 -6.27 -14.31 12.92
N MET B 44 -6.20 -12.99 13.07
CA MET B 44 -7.34 -12.19 13.49
C MET B 44 -8.39 -12.02 12.39
N ASN B 45 -8.06 -12.41 11.15
CA ASN B 45 -8.90 -12.11 9.98
C ASN B 45 -9.21 -10.63 9.93
N PHE B 46 -8.19 -9.82 10.21
CA PHE B 46 -8.32 -8.39 10.27
C PHE B 46 -8.93 -7.79 9.00
N GLU B 47 -9.94 -6.93 9.20
CA GLU B 47 -10.69 -6.28 8.12
C GLU B 47 -9.88 -5.13 7.50
N PRO B 48 -9.54 -5.24 6.20
CA PRO B 48 -8.69 -4.20 5.60
C PRO B 48 -9.47 -3.03 5.00
N ARG B 49 -10.74 -3.27 4.67
CA ARG B 49 -11.49 -2.29 3.90
C ARG B 49 -11.99 -1.16 4.76
N ALA B 50 -11.80 0.05 4.29
CA ALA B 50 -12.37 1.25 4.89
C ALA B 50 -13.79 1.40 4.39
N THR B 51 -14.77 1.03 5.22
CA THR B 51 -16.17 1.08 4.80
C THR B 51 -17.02 1.71 5.87
N ASP B 52 -18.30 1.92 5.54
CA ASP B 52 -19.17 2.59 6.48
C ASP B 52 -19.52 1.67 7.65
N LYS B 53 -19.11 0.41 7.57
CA LYS B 53 -19.23 -0.52 8.70
C LYS B 53 -18.29 -0.13 9.87
N ASP B 54 -17.34 0.77 9.62
CA ASP B 54 -16.40 1.15 10.66
C ASP B 54 -16.96 2.19 11.60
N ILE B 55 -18.13 2.73 11.28
CA ILE B 55 -18.81 3.64 12.19
C ILE B 55 -20.14 3.03 12.60
N THR B 56 -20.49 3.09 13.88
CA THR B 56 -21.74 2.47 14.31
C THR B 56 -22.83 3.50 14.63
N GLY B 57 -22.43 4.74 14.89
CA GLY B 57 -23.39 5.77 15.25
C GLY B 57 -24.05 6.47 14.07
N THR B 58 -24.88 7.44 14.39
CA THR B 58 -25.47 8.35 13.39
C THR B 58 -24.37 9.02 12.58
N LEU B 59 -24.45 8.90 11.26
CA LEU B 59 -23.47 9.53 10.37
C LEU B 59 -23.65 11.04 10.31
N SER B 60 -22.55 11.76 10.21
CA SER B 60 -22.60 13.20 10.10
C SER B 60 -23.27 13.62 8.79
N ASN B 61 -23.11 12.80 7.76
CA ASN B 61 -23.76 13.01 6.47
C ASN B 61 -24.07 11.66 5.82
N PRO B 62 -25.25 11.11 6.09
CA PRO B 62 -25.63 9.77 5.59
C PRO B 62 -25.99 9.74 4.10
N GLU B 63 -25.97 10.89 3.43
CA GLU B 63 -26.33 10.95 2.02
C GLU B 63 -25.09 10.86 1.14
N VAL B 64 -23.99 11.45 1.60
CA VAL B 64 -22.73 11.38 0.88
C VAL B 64 -21.61 10.92 1.83
N PHE B 65 -21.27 9.63 1.77
CA PHE B 65 -20.35 9.05 2.74
C PHE B 65 -18.91 9.47 2.49
N ASN B 66 -18.32 10.12 3.49
CA ASN B 66 -16.93 10.55 3.49
C ASN B 66 -16.17 9.82 4.60
N TYR B 67 -15.38 8.83 4.25
CA TYR B 67 -14.77 7.94 5.25
C TYR B 67 -13.95 8.70 6.30
N GLY B 68 -13.08 9.60 5.84
CA GLY B 68 -12.25 10.37 6.75
C GLY B 68 -13.04 11.24 7.73
N VAL B 69 -14.05 11.93 7.20
CA VAL B 69 -14.92 12.76 8.02
C VAL B 69 -15.70 11.89 9.02
N GLU B 70 -16.29 10.81 8.56
CA GLU B 70 -17.11 9.99 9.46
C GLU B 70 -16.26 9.29 10.54
N THR B 71 -15.08 8.78 10.18
CA THR B 71 -14.25 8.14 11.19
C THR B 71 -13.67 9.12 12.21
N HIS B 72 -13.38 10.34 11.80
CA HIS B 72 -12.87 11.36 12.72
C HIS B 72 -13.93 11.68 13.77
N GLU B 73 -15.15 11.93 13.30
CA GLU B 73 -16.28 12.24 14.18
C GLU B 73 -16.60 11.03 15.08
N ALA B 74 -16.64 9.83 14.50
CA ALA B 74 -16.87 8.61 15.27
C ALA B 74 -15.79 8.38 16.34
N TYR B 75 -14.55 8.71 16.04
CA TYR B 75 -13.49 8.57 17.04
C TYR B 75 -13.79 9.46 18.25
N LYS B 76 -14.18 10.71 17.99
CA LYS B 76 -14.47 11.64 19.09
C LYS B 76 -15.71 11.21 19.88
N GLN B 77 -16.68 10.62 19.18
CA GLN B 77 -17.93 10.16 19.78
C GLN B 77 -17.81 8.78 20.43
N ARG B 78 -16.76 8.05 20.06
CA ARG B 78 -16.57 6.65 20.44
C ARG B 78 -17.59 5.72 19.82
N SER B 79 -17.77 5.87 18.51
CA SER B 79 -18.67 4.99 17.79
C SER B 79 -17.93 4.28 16.64
N LEU B 80 -16.61 4.18 16.73
CA LEU B 80 -15.86 3.36 15.78
C LEU B 80 -16.09 1.90 16.09
N ALA B 81 -15.95 1.07 15.06
CA ALA B 81 -16.02 -0.38 15.23
C ALA B 81 -14.97 -0.80 16.26
N SER B 82 -15.28 -1.83 17.04
CA SER B 82 -14.42 -2.21 18.15
C SER B 82 -13.07 -2.79 17.73
N ASP B 83 -12.99 -3.42 16.55
CA ASP B 83 -11.70 -3.96 16.11
C ASP B 83 -10.69 -2.83 15.90
N ILE B 84 -11.18 -1.66 15.51
CA ILE B 84 -10.35 -0.48 15.35
C ILE B 84 -9.85 0.06 16.69
N THR B 85 -10.75 0.23 17.65
CA THR B 85 -10.33 0.81 18.93
C THR B 85 -9.52 -0.19 19.75
N ASP B 86 -9.76 -1.49 19.57
CA ASP B 86 -8.88 -2.52 20.13
C ASP B 86 -7.40 -2.33 19.69
N GLU B 87 -7.19 -2.06 18.41
CA GLU B 87 -5.84 -1.76 17.92
C GLU B 87 -5.28 -0.46 18.48
N GLN B 88 -6.13 0.55 18.58
CA GLN B 88 -5.72 1.85 19.09
C GLN B 88 -5.23 1.78 20.52
N LYS B 89 -5.90 0.96 21.33
CA LYS B 89 -5.46 0.76 22.71
C LYS B 89 -4.06 0.19 22.74
N LYS B 90 -3.78 -0.78 21.87
CA LYS B 90 -2.47 -1.41 21.83
C LYS B 90 -1.40 -0.40 21.44
N VAL B 91 -1.72 0.45 20.47
CA VAL B 91 -0.77 1.45 20.00
C VAL B 91 -0.54 2.52 21.06
N ARG B 92 -1.63 2.97 21.67
CA ARG B 92 -1.59 3.95 22.75
C ARG B 92 -0.67 3.55 23.89
N GLU B 93 -0.73 2.28 24.27
CA GLU B 93 0.10 1.79 25.37
C GLU B 93 1.53 1.47 24.95
N ALA B 94 1.76 1.21 23.67
CA ALA B 94 3.08 0.85 23.18
C ALA B 94 4.12 1.98 23.27
N ASP B 95 5.36 1.65 23.63
CA ASP B 95 6.48 2.58 23.47
C ASP B 95 7.12 2.43 22.10
N LEU B 96 7.06 1.22 21.58
CA LEU B 96 7.68 0.87 20.31
C LEU B 96 6.69 0.04 19.50
N VAL B 97 6.50 0.37 18.23
CA VAL B 97 5.67 -0.47 17.37
C VAL B 97 6.55 -1.03 16.28
N ILE B 98 6.62 -2.35 16.22
CA ILE B 98 7.39 -3.04 15.20
C ILE B 98 6.42 -3.62 14.18
N PHE B 99 6.70 -3.38 12.92
CA PHE B 99 5.88 -3.95 11.84
C PHE B 99 6.68 -5.07 11.18
N GLN B 100 6.15 -6.28 11.16
CA GLN B 100 6.85 -7.42 10.60
C GLN B 100 6.06 -7.94 9.41
N PHE B 101 6.65 -7.86 8.21
CA PHE B 101 5.92 -8.20 6.99
C PHE B 101 6.84 -8.49 5.82
N PRO B 102 6.35 -9.30 4.87
CA PRO B 102 7.01 -9.42 3.57
C PRO B 102 6.64 -8.26 2.68
N LEU B 103 7.59 -7.76 1.92
CA LEU B 103 7.33 -6.73 0.94
C LEU B 103 6.39 -7.26 -0.13
N TYR B 104 5.26 -6.57 -0.30
CA TYR B 104 4.31 -6.83 -1.37
C TYR B 104 4.24 -5.59 -2.22
N TRP B 105 4.72 -5.67 -3.45
CA TRP B 105 4.62 -4.57 -4.39
C TRP B 105 5.21 -3.29 -3.80
N PHE B 106 6.44 -3.41 -3.30
CA PHE B 106 7.19 -2.28 -2.79
C PHE B 106 6.47 -1.64 -1.61
N SER B 107 5.66 -2.44 -0.90
CA SER B 107 4.86 -1.89 0.18
C SER B 107 4.44 -3.00 1.15
N VAL B 108 3.49 -2.68 2.02
CA VAL B 108 2.96 -3.65 2.96
C VAL B 108 1.87 -4.49 2.28
N PRO B 109 1.71 -5.74 2.73
CA PRO B 109 0.55 -6.54 2.29
C PRO B 109 -0.74 -5.78 2.59
N ALA B 110 -1.78 -6.01 1.78
CA ALA B 110 -3.00 -5.24 1.91
C ALA B 110 -3.65 -5.32 3.29
N ILE B 111 -3.51 -6.44 3.97
CA ILE B 111 -4.15 -6.58 5.27
C ILE B 111 -3.50 -5.61 6.26
N LEU B 112 -2.21 -5.36 6.09
CA LEU B 112 -1.50 -4.41 6.94
C LEU B 112 -1.76 -2.96 6.49
N LYS B 113 -1.86 -2.74 5.18
CA LYS B 113 -2.28 -1.42 4.67
C LYS B 113 -3.62 -1.05 5.32
N GLY B 114 -4.49 -2.04 5.48
CA GLY B 114 -5.82 -1.82 6.01
C GLY B 114 -5.78 -1.42 7.47
N TRP B 115 -4.87 -2.04 8.21
CA TRP B 115 -4.60 -1.66 9.58
C TRP B 115 -4.17 -0.21 9.64
N MET B 116 -3.25 0.19 8.76
N MET B 116 -3.25 0.17 8.76
CA MET B 116 -2.83 1.58 8.74
CA MET B 116 -2.81 1.56 8.66
C MET B 116 -4.01 2.49 8.40
C MET B 116 -4.00 2.47 8.40
N ASP B 117 -4.76 2.13 7.36
CA ASP B 117 -5.86 2.96 6.89
C ASP B 117 -6.93 3.17 7.96
N ARG B 118 -7.25 2.10 8.69
CA ARG B 118 -8.42 2.11 9.57
C ARG B 118 -8.07 2.48 11.01
N VAL B 119 -6.87 2.12 11.42
CA VAL B 119 -6.46 2.32 12.80
C VAL B 119 -5.95 3.73 13.06
N LEU B 120 -5.19 4.28 12.11
CA LEU B 120 -4.58 5.57 12.34
C LEU B 120 -5.52 6.68 11.89
N CYS B 121 -6.67 6.79 12.54
CA CYS B 121 -7.66 7.77 12.10
C CYS B 121 -7.41 9.14 12.70
N GLN B 122 -8.08 10.14 12.14
CA GLN B 122 -7.92 11.49 12.62
C GLN B 122 -8.49 11.57 14.03
N GLY B 123 -7.82 12.33 14.89
CA GLY B 123 -8.16 12.40 16.30
C GLY B 123 -7.34 11.45 17.15
N PHE B 124 -7.04 10.27 16.61
CA PHE B 124 -6.24 9.31 17.36
C PHE B 124 -4.76 9.49 17.05
N ALA B 125 -4.41 9.39 15.77
CA ALA B 125 -3.01 9.33 15.36
C ALA B 125 -2.45 10.69 14.93
N PHE B 126 -3.33 11.58 14.50
CA PHE B 126 -2.95 12.92 14.08
C PHE B 126 -4.16 13.81 14.19
N ASP B 127 -3.91 15.12 14.16
CA ASP B 127 -4.98 16.11 14.05
C ASP B 127 -4.55 17.11 12.99
N ILE B 128 -5.48 17.95 12.53
CA ILE B 128 -5.13 19.07 11.66
C ILE B 128 -5.46 20.38 12.35
N PRO B 129 -4.45 21.09 12.88
CA PRO B 129 -3.03 20.71 12.91
C PRO B 129 -2.74 19.65 13.96
N GLY B 130 -1.51 19.13 13.95
CA GLY B 130 -1.12 18.07 14.86
C GLY B 130 -0.61 16.86 14.07
N PHE B 131 0.37 17.09 13.21
CA PHE B 131 0.91 16.03 12.39
C PHE B 131 2.39 16.26 12.11
N TYR B 132 3.02 15.29 11.44
CA TYR B 132 4.49 15.20 11.36
C TYR B 132 5.07 15.39 12.76
N ASP B 133 6.02 16.30 12.96
CA ASP B 133 6.64 16.40 14.29
C ASP B 133 5.62 16.71 15.40
N SER B 134 4.44 17.20 15.02
CA SER B 134 3.37 17.45 15.99
C SER B 134 2.32 16.34 15.99
N GLY B 135 2.61 15.22 15.32
CA GLY B 135 1.72 14.07 15.32
C GLY B 135 1.38 13.59 16.72
N LEU B 136 0.22 12.97 16.89
CA LEU B 136 -0.28 12.65 18.24
C LEU B 136 0.38 11.44 18.86
N LEU B 137 1.09 10.66 18.06
CA LEU B 137 1.82 9.51 18.56
C LEU B 137 3.28 9.90 18.82
N GLN B 138 3.54 11.20 18.95
CA GLN B 138 4.89 11.64 19.31
C GLN B 138 5.33 10.99 20.62
N GLY B 139 6.63 10.75 20.78
CA GLY B 139 7.13 10.06 21.94
C GLY B 139 7.22 8.55 21.75
N LYS B 140 6.61 8.06 20.67
CA LYS B 140 6.62 6.63 20.37
C LYS B 140 7.64 6.34 19.28
N LEU B 141 8.12 5.10 19.25
CA LEU B 141 9.03 4.65 18.18
C LEU B 141 8.33 3.67 17.26
N ALA B 142 8.76 3.63 16.01
CA ALA B 142 8.27 2.66 15.06
C ALA B 142 9.44 2.12 14.25
N LEU B 143 9.32 0.86 13.88
CA LEU B 143 10.37 0.16 13.15
C LEU B 143 9.73 -0.79 12.15
N LEU B 144 10.15 -0.70 10.89
CA LEU B 144 9.74 -1.65 9.86
C LEU B 144 10.76 -2.79 9.73
N SER B 145 10.29 -4.00 9.97
CA SER B 145 11.09 -5.18 9.73
C SER B 145 10.51 -5.88 8.51
N VAL B 146 11.23 -5.75 7.41
CA VAL B 146 10.78 -6.13 6.07
C VAL B 146 11.61 -7.25 5.51
N THR B 147 10.94 -8.19 4.85
CA THR B 147 11.62 -9.22 4.08
C THR B 147 11.31 -9.03 2.59
N THR B 148 12.28 -9.30 1.73
CA THR B 148 12.09 -9.12 0.30
C THR B 148 12.34 -10.38 -0.52
N GLY B 149 11.79 -10.42 -1.73
CA GLY B 149 12.19 -11.39 -2.74
C GLY B 149 13.46 -10.94 -3.44
N GLY B 150 13.61 -9.62 -3.61
CA GLY B 150 14.78 -9.06 -4.26
C GLY B 150 16.03 -9.08 -3.39
N THR B 151 17.19 -9.17 -4.04
CA THR B 151 18.46 -9.17 -3.33
C THR B 151 18.88 -7.74 -2.98
N ALA B 152 19.84 -7.59 -2.07
CA ALA B 152 20.35 -6.27 -1.72
C ALA B 152 20.87 -5.53 -2.94
N GLU B 153 21.51 -6.28 -3.85
CA GLU B 153 22.08 -5.71 -5.08
C GLU B 153 21.00 -5.09 -5.97
N MET B 154 19.90 -5.82 -6.14
CA MET B 154 18.75 -5.29 -6.85
C MET B 154 18.25 -4.01 -6.21
N TYR B 155 18.30 -3.95 -4.87
CA TYR B 155 17.86 -2.75 -4.18
C TYR B 155 18.99 -1.76 -3.91
N THR B 156 19.71 -1.39 -4.96
CA THR B 156 20.68 -0.31 -4.88
C THR B 156 20.32 0.76 -5.89
N LYS B 157 20.88 1.95 -5.68
CA LYS B 157 20.62 3.09 -6.55
C LYS B 157 20.67 2.72 -8.03
N THR B 158 21.70 1.96 -8.42
CA THR B 158 21.86 1.60 -9.83
C THR B 158 21.30 0.22 -10.17
N GLY B 159 20.68 -0.43 -9.19
CA GLY B 159 20.05 -1.73 -9.40
C GLY B 159 18.67 -1.55 -10.01
N VAL B 160 18.06 -2.66 -10.43
CA VAL B 160 16.80 -2.61 -11.16
C VAL B 160 15.66 -2.07 -10.31
N ASN B 161 15.69 -2.37 -9.00
CA ASN B 161 14.67 -1.91 -8.08
C ASN B 161 14.90 -0.51 -7.52
N GLY B 162 16.11 0.03 -7.74
CA GLY B 162 16.53 1.25 -7.08
C GLY B 162 16.84 0.99 -5.61
N ASP B 163 17.28 2.02 -4.89
CA ASP B 163 17.71 1.83 -3.52
C ASP B 163 16.54 1.41 -2.64
N SER B 164 16.83 0.57 -1.65
CA SER B 164 15.80 0.08 -0.73
C SER B 164 15.11 1.22 0.01
N ARG B 165 15.84 2.27 0.36
CA ARG B 165 15.22 3.38 1.07
C ARG B 165 14.11 4.04 0.26
N TYR B 166 14.16 3.88 -1.06
CA TYR B 166 13.21 4.58 -1.91
C TYR B 166 11.78 4.16 -1.60
N PHE B 167 11.57 2.86 -1.43
CA PHE B 167 10.21 2.36 -1.22
C PHE B 167 9.73 2.55 0.21
N LEU B 168 10.63 2.92 1.12
CA LEU B 168 10.25 3.16 2.52
C LEU B 168 9.52 4.48 2.72
N TRP B 169 9.67 5.40 1.77
CA TRP B 169 9.14 6.75 1.93
C TRP B 169 7.66 6.82 2.33
N PRO B 170 6.76 6.12 1.62
CA PRO B 170 5.33 6.27 1.96
C PRO B 170 5.02 5.76 3.36
N LEU B 171 5.77 4.74 3.79
CA LEU B 171 5.55 4.11 5.08
C LEU B 171 6.21 4.90 6.20
N GLN B 172 7.50 5.17 6.08
CA GLN B 172 8.22 5.87 7.12
C GLN B 172 7.81 7.34 7.19
N HIS B 173 7.82 8.06 6.06
CA HIS B 173 7.49 9.47 6.11
C HIS B 173 5.99 9.75 6.00
N GLY B 174 5.35 9.18 4.99
CA GLY B 174 3.96 9.47 4.72
C GLY B 174 3.03 8.99 5.82
N THR B 175 3.40 7.90 6.50
CA THR B 175 2.53 7.33 7.53
C THR B 175 3.08 7.53 8.94
N LEU B 176 4.21 6.90 9.27
CA LEU B 176 4.69 6.89 10.65
C LEU B 176 5.12 8.28 11.14
N HIS B 177 5.96 8.95 10.36
CA HIS B 177 6.41 10.29 10.73
C HIS B 177 5.22 11.24 10.79
N PHE B 178 4.29 11.10 9.84
CA PHE B 178 3.13 11.96 9.78
C PHE B 178 2.33 11.91 11.07
N CYS B 179 2.32 10.73 11.69
CA CYS B 179 1.57 10.52 12.94
C CYS B 179 2.39 10.86 14.18
N GLY B 180 3.62 11.30 13.98
CA GLY B 180 4.45 11.70 15.10
C GLY B 180 5.45 10.67 15.59
N PHE B 181 5.44 9.48 15.02
CA PHE B 181 6.41 8.45 15.38
C PHE B 181 7.81 8.98 15.11
N LYS B 182 8.75 8.65 15.99
CA LYS B 182 10.16 8.72 15.61
C LYS B 182 10.44 7.34 15.02
N VAL B 183 11.20 7.33 13.92
CA VAL B 183 11.41 6.12 13.15
C VAL B 183 12.82 5.55 13.35
N LEU B 184 12.88 4.35 13.91
CA LEU B 184 14.13 3.61 13.99
C LEU B 184 14.48 3.06 12.62
N ALA B 185 15.76 2.81 12.39
CA ALA B 185 16.22 2.33 11.10
C ALA B 185 15.55 1.00 10.76
N PRO B 186 15.20 0.82 9.48
CA PRO B 186 14.55 -0.42 9.08
C PRO B 186 15.45 -1.63 9.26
N GLN B 187 14.82 -2.77 9.53
CA GLN B 187 15.50 -4.05 9.44
C GLN B 187 15.07 -4.69 8.13
N ILE B 188 15.94 -4.72 7.13
CA ILE B 188 15.54 -5.40 5.90
C ILE B 188 16.33 -6.69 5.74
N SER B 189 15.58 -7.79 5.73
CA SER B 189 16.13 -9.10 5.51
C SER B 189 15.93 -9.46 4.04
N PHE B 190 16.98 -9.28 3.26
CA PHE B 190 16.91 -9.42 1.80
C PHE B 190 16.88 -10.89 1.37
N ALA B 191 15.95 -11.21 0.48
CA ALA B 191 16.00 -12.45 -0.29
C ALA B 191 16.25 -13.73 0.52
N PRO B 192 15.50 -13.94 1.61
CA PRO B 192 15.66 -15.19 2.36
C PRO B 192 15.40 -16.46 1.54
N GLU B 193 14.58 -16.34 0.50
CA GLU B 193 14.26 -17.51 -0.33
C GLU B 193 15.50 -17.94 -1.13
N ILE B 194 16.25 -16.96 -1.61
CA ILE B 194 17.53 -17.18 -2.30
C ILE B 194 18.66 -17.59 -1.36
N ALA B 195 18.56 -17.19 -0.10
CA ALA B 195 19.66 -17.38 0.86
C ALA B 195 19.90 -18.84 1.20
N SER B 196 21.12 -19.12 1.66
CA SER B 196 21.44 -20.44 2.20
C SER B 196 20.97 -20.58 3.63
N GLU B 197 20.94 -21.83 4.11
CA GLU B 197 20.53 -22.14 5.47
C GLU B 197 21.31 -21.31 6.49
N GLU B 198 22.62 -21.20 6.27
CA GLU B 198 23.46 -20.42 7.17
C GLU B 198 23.09 -18.95 7.14
N GLU B 199 22.99 -18.39 5.93
CA GLU B 199 22.65 -16.99 5.75
C GLU B 199 21.28 -16.67 6.34
N ARG B 200 20.35 -17.59 6.16
CA ARG B 200 19.03 -17.47 6.76
C ARG B 200 19.09 -17.32 8.26
N LYS B 201 19.72 -18.27 8.94
CA LYS B 201 19.76 -18.22 10.40
C LYS B 201 20.63 -17.05 10.83
N GLY B 202 21.55 -16.65 9.96
CA GLY B 202 22.37 -15.48 10.22
C GLY B 202 21.56 -14.19 10.17
N MET B 203 20.57 -14.15 9.29
CA MET B 203 19.69 -12.99 9.22
C MET B 203 18.76 -12.95 10.43
N VAL B 204 18.31 -14.11 10.88
CA VAL B 204 17.47 -14.19 12.08
C VAL B 204 18.25 -13.79 13.33
N ALA B 205 19.51 -14.24 13.44
CA ALA B 205 20.32 -13.94 14.60
C ALA B 205 20.73 -12.46 14.64
N ALA B 206 20.94 -11.88 13.46
CA ALA B 206 21.28 -10.46 13.36
C ALA B 206 20.15 -9.57 13.90
N TRP B 207 18.91 -9.97 13.63
CA TRP B 207 17.74 -9.28 14.15
C TRP B 207 17.63 -9.44 15.66
N SER B 208 17.77 -10.69 16.12
CA SER B 208 17.77 -10.97 17.55
C SER B 208 18.85 -10.13 18.25
N GLN B 209 20.04 -10.17 17.68
CA GLN B 209 21.16 -9.39 18.18
C GLN B 209 20.86 -7.89 18.25
N ARG B 210 20.33 -7.33 17.16
CA ARG B 210 19.98 -5.90 17.16
C ARG B 210 19.04 -5.56 18.29
N LEU B 211 18.03 -6.41 18.47
CA LEU B 211 17.00 -6.16 19.46
C LEU B 211 17.59 -6.08 20.87
N GLN B 212 18.73 -6.73 21.11
CA GLN B 212 19.35 -6.66 22.44
C GLN B 212 19.65 -5.21 22.85
N THR B 213 19.98 -4.38 21.87
CA THR B 213 20.34 -2.99 22.13
C THR B 213 19.39 -1.95 21.49
N ILE B 214 18.17 -2.38 21.17
CA ILE B 214 17.22 -1.49 20.51
C ILE B 214 16.91 -0.21 21.30
N TRP B 215 16.93 -0.29 22.63
CA TRP B 215 16.54 0.85 23.46
C TRP B 215 17.68 1.87 23.53
N LYS B 216 18.82 1.50 22.96
CA LYS B 216 19.98 2.37 22.86
C LYS B 216 20.00 3.20 21.56
N GLU B 217 19.15 2.84 20.62
CA GLU B 217 19.16 3.45 19.29
C GLU B 217 18.55 4.82 19.26
N GLU B 218 19.09 5.65 18.38
CA GLU B 218 18.49 6.92 17.97
C GLU B 218 17.69 6.66 16.70
N PRO B 219 16.64 7.45 16.47
CA PRO B 219 15.86 7.29 15.23
C PRO B 219 16.59 7.88 14.03
N ILE B 220 16.12 7.59 12.83
CA ILE B 220 16.70 8.20 11.62
C ILE B 220 16.18 9.62 11.48
N PRO B 221 16.85 10.44 10.67
CA PRO B 221 16.23 11.69 10.29
C PRO B 221 15.28 11.39 9.15
N CYS B 222 13.97 11.42 9.41
CA CYS B 222 13.01 10.97 8.41
C CYS B 222 12.70 12.10 7.43
N THR B 223 13.66 12.30 6.52
CA THR B 223 13.65 13.39 5.57
C THR B 223 13.78 12.87 4.15
N ALA B 224 13.44 13.71 3.17
CA ALA B 224 13.74 13.41 1.77
C ALA B 224 15.22 13.06 1.55
N HIS B 225 16.13 13.82 2.15
CA HIS B 225 17.55 13.54 1.94
C HIS B 225 17.94 12.14 2.43
N TRP B 226 17.44 11.72 3.59
CA TRP B 226 17.77 10.38 4.08
C TRP B 226 17.33 9.32 3.09
N HIS B 227 16.13 9.48 2.54
CA HIS B 227 15.55 8.49 1.64
C HIS B 227 16.15 8.50 0.25
N PHE B 228 16.44 9.70 -0.26
CA PHE B 228 16.75 9.84 -1.68
C PHE B 228 18.12 10.44 -2.01
N GLY B 229 18.85 10.94 -1.04
CA GLY B 229 20.13 11.58 -1.31
C GLY B 229 19.87 12.96 -1.87
N GLN B 230 20.78 13.45 -2.71
CA GLN B 230 20.66 14.72 -3.47
C GLN B 230 21.64 15.75 -2.95
ZN ZN C . 9.85 2.16 -13.81
PA FAD D . -14.72 14.33 -1.88
O1A FAD D . -15.67 13.18 -2.12
O2A FAD D . -14.78 14.80 -0.47
O5B FAD D . -15.01 15.53 -2.89
C5B FAD D . -14.50 16.82 -2.63
C4B FAD D . -15.60 17.81 -2.98
O4B FAD D . -15.75 17.81 -4.38
C3B FAD D . -16.95 17.35 -2.40
O3B FAD D . -17.63 18.42 -1.80
C2B FAD D . -17.70 16.87 -3.62
O2B FAD D . -19.09 17.07 -3.49
C1B FAD D . -17.12 17.74 -4.71
N9A FAD D . -17.38 17.15 -6.04
C8A FAD D . -17.69 15.85 -6.32
N7A FAD D . -17.87 15.67 -7.65
C5A FAD D . -17.69 16.90 -8.20
C6A FAD D . -17.76 17.34 -9.51
N6A FAD D . -18.12 16.51 -10.50
N1A FAD D . -17.52 18.66 -9.76
C2A FAD D . -17.22 19.49 -8.71
N3A FAD D . -17.14 19.13 -7.44
C4A FAD D . -17.39 17.83 -7.22
N1 FAD D . -4.30 12.75 1.71
C2 FAD D . -2.99 13.02 1.42
O2 FAD D . -2.67 14.03 0.77
N3 FAD D . -2.02 12.16 1.86
C4 FAD D . -2.31 11.01 2.57
O4 FAD D . -1.39 10.28 2.94
C4X FAD D . -3.64 10.73 2.87
N5 FAD D . -3.97 9.61 3.60
C5X FAD D . -5.31 9.32 3.88
C6 FAD D . -5.67 8.19 4.60
C7 FAD D . -7.02 7.92 4.87
C7M FAD D . -7.41 6.69 5.65
C8 FAD D . -8.00 8.79 4.43
C8M FAD D . -9.46 8.52 4.71
C9 FAD D . -7.63 9.92 3.70
C9A FAD D . -6.30 10.20 3.44
N10 FAD D . -5.96 11.32 2.70
C10 FAD D . -4.63 11.59 2.43
C1' FAD D . -7.03 12.27 2.23
C2' FAD D . -7.71 11.77 0.95
O2' FAD D . -6.74 11.49 -0.05
C3' FAD D . -8.71 12.80 0.44
O3' FAD D . -9.65 12.97 1.47
C4' FAD D . -9.43 12.33 -0.81
O4' FAD D . -8.51 12.17 -1.86
C5' FAD D . -10.48 13.32 -1.30
O5' FAD D . -11.08 12.76 -2.46
P FAD D . -12.65 12.43 -2.43
O1P FAD D . -13.02 11.62 -1.22
O2P FAD D . -13.08 11.76 -3.71
O3P FAD D . -13.22 13.94 -2.32
C2 K25 E . -5.42 14.38 4.92
C2 K25 E . -4.66 13.15 5.64
C3 K25 E . -4.41 13.57 5.37
C3 K25 E . -5.11 12.01 6.27
C4 K25 E . -4.68 12.44 6.11
C4 K25 E . -6.45 11.83 6.47
C5 K25 E . -6.77 14.09 5.20
C5 K25 E . -5.55 14.15 5.19
N6 K25 E . -6.53 11.07 7.12
N6 K25 E . -8.76 12.88 6.10
C7 K25 E . -7.09 12.93 5.97
C7 K25 E . -6.93 13.97 5.39
C8 K25 E . -6.03 12.12 6.42
C8 K25 E . -7.40 12.81 6.03
C13 K25 E . -7.89 11.24 7.10
C13 K25 E . -9.09 14.07 5.50
N14 K25 E . -8.28 12.36 6.43
N14 K25 E . -8.03 14.76 5.05
N15 K25 E . -8.76 10.42 7.72
N15 K25 E . -10.34 14.52 5.34
C16 K25 E . -9.81 10.99 8.51
C16 K25 E . -10.58 15.90 5.04
C17 K25 E . -8.63 9.01 7.68
C17 K25 E . -11.44 13.64 5.49
BR1 K25 E . -4.75 15.88 3.93
BR1 K25 E . -2.81 13.32 5.39
BR9 K25 E . -2.69 14.09 4.89
BR9 K25 E . -3.99 10.65 6.91
BR10 K25 E . -3.28 11.30 6.72
BR10 K25 E . -6.95 10.22 7.35
BR11 K25 E . -8.00 15.34 4.49
BR11 K25 E . -4.83 15.67 4.35
ZN ZN F . 9.79 11.83 7.59
PA FAD G . 9.79 -17.87 3.44
O1A FAD G . 8.82 -18.21 4.52
O2A FAD G . 9.50 -18.63 2.15
O5B FAD G . 11.29 -18.16 3.94
C5B FAD G . 12.28 -18.58 3.03
C4B FAD G . 12.90 -19.83 3.66
O4B FAD G . 13.36 -19.52 4.96
C3B FAD G . 11.90 -20.95 3.82
O3B FAD G . 12.46 -22.15 3.32
C2B FAD G . 11.73 -21.09 5.31
O2B FAD G . 11.45 -22.41 5.73
C1B FAD G . 13.10 -20.64 5.75
N9A FAD G . 13.10 -20.34 7.18
C8A FAD G . 12.05 -20.00 7.98
N7A FAD G . 12.46 -19.79 9.24
C5A FAD G . 13.80 -20.03 9.22
C6A FAD G . 14.75 -20.00 10.24
N6A FAD G . 14.42 -19.61 11.47
N1A FAD G . 16.06 -20.28 9.92
C2A FAD G . 16.35 -20.61 8.63
N3A FAD G . 15.49 -20.67 7.61
C4A FAD G . 14.22 -20.37 7.96
N1 FAD G . 9.62 -8.99 -3.26
C2 FAD G . 10.29 -7.85 -3.63
O2 FAD G . 11.52 -7.76 -3.48
N3 FAD G . 9.58 -6.81 -4.17
C4 FAD G . 8.21 -6.84 -4.35
O4 FAD G . 7.63 -5.88 -4.84
C4X FAD G . 7.54 -8.00 -3.99
N5 FAD G . 6.18 -8.11 -4.18
C5X FAD G . 5.50 -9.25 -3.79
C6 FAD G . 4.12 -9.32 -3.96
C7 FAD G . 3.43 -10.48 -3.58
C7M FAD G . 1.94 -10.51 -3.80
C8 FAD G . 4.12 -11.56 -3.04
C8M FAD G . 3.40 -12.82 -2.63
C9 FAD G . 5.51 -11.47 -2.86
C9A FAD G . 6.19 -10.31 -3.25
N10 FAD G . 7.56 -10.21 -3.08
C10 FAD G . 8.24 -9.07 -3.45
C1' FAD G . 8.30 -11.36 -2.50
C2' FAD G . 8.12 -11.43 -0.99
O2' FAD G . 8.57 -10.24 -0.39
C3' FAD G . 8.96 -12.58 -0.44
O3' FAD G . 8.44 -13.79 -0.97
C4' FAD G . 8.93 -12.56 1.08
O4' FAD G . 9.52 -11.35 1.52
C5' FAD G . 9.71 -13.74 1.63
O5' FAD G . 9.44 -13.86 3.01
P FAD G . 8.80 -15.19 3.64
O1P FAD G . 7.52 -15.55 2.98
O2P FAD G . 8.62 -15.18 5.14
O3P FAD G . 9.93 -16.27 3.20
C2 K25 H . 9.59 -11.51 -6.20
C2 K25 H . 8.64 -10.36 -6.76
C3 K25 H . 9.09 -10.31 -6.66
C3 K25 H . 7.25 -10.54 -6.77
C4 K25 H . 7.75 -10.12 -6.81
C4 K25 H . 6.74 -11.71 -6.29
C5 K25 H . 8.72 -12.57 -5.86
C5 K25 H . 9.53 -11.35 -6.30
N6 K25 H . 5.49 -11.22 -6.54
N6 K25 H . 7.33 -13.97 -5.30
C7 K25 H . 7.34 -12.39 -6.01
C7 K25 H . 9.00 -12.55 -5.81
C8 K25 H . 6.84 -11.17 -6.48
C8 K25 H . 7.61 -12.74 -5.80
C13 K25 H . 5.19 -12.48 -6.10
C13 K25 H . 8.56 -14.50 -5.01
N14 K25 H . 6.26 -13.24 -5.77
N14 K25 H . 9.61 -13.69 -5.30
N15 K25 H . 3.95 -12.95 -6.02
N15 K25 H . 8.74 -15.71 -4.48
C16 K25 H . 2.86 -12.22 -6.59
C16 K25 H . 7.62 -16.44 -3.98
C17 K25 H . 3.69 -14.18 -5.38
C17 K25 H . 10.04 -16.28 -4.42
BR1 K25 H . 11.48 -11.62 -6.05
BR1 K25 H . 9.34 -8.74 -7.42
BR9 K25 H . 10.24 -8.90 -7.10
BR9 K25 H . 6.03 -9.23 -7.38
BR10 K25 H . 7.05 -8.46 -7.45
BR10 K25 H . 4.84 -11.98 -6.26
BR11 K25 H . 9.51 -14.14 -5.24
BR11 K25 H . 11.37 -10.95 -6.40
#